data_3D8T
#
_entry.id   3D8T
#
_cell.length_a   40.750
_cell.length_b   89.957
_cell.length_c   74.981
_cell.angle_alpha   90.00
_cell.angle_beta   101.32
_cell.angle_gamma   90.00
#
_symmetry.space_group_name_H-M   'P 1 21 1'
#
loop_
_entity.id
_entity.type
_entity.pdbx_description
1 polymer 'Uroporphyrinogen-III synthase'
2 non-polymer 'ACETATE ION'
3 water water
#
_entity_poly.entity_id   1
_entity_poly.type   'polypeptide(L)'
_entity_poly.pdbx_seq_one_letter_code
;MHHHHHHGKPIPNPLLGLDSTENLYFQGIDPFTMRIAYAGLRRKEEFKALAEKLGFTPLLFPVQATEKVPVPEYRDQVRE
LAQGVDLFLATTGVGVRDLLEAGKALGLDLEGPLAKAFRLARGAKAARALKEAGLPPHAVGDGTSKSLLPLLPQGRGVAA
LQLYGKPLPLLENALAERGYRVLPLMPYRHLPDPEGILRLEEAVLRGEVDALAFVAAIQVEFLFEGAKDPKALREALNTR
VKALAVGRVTADALREWGVKPFYVDETERLGSLLQGFKRALQKEVA
;
_entity_poly.pdbx_strand_id   A,B
#
loop_
_chem_comp.id
_chem_comp.type
_chem_comp.name
_chem_comp.formula
ACT non-polymer 'ACETATE ION' 'C2 H3 O2 -1'
#
# COMPACT_ATOMS: atom_id res chain seq x y z
N THR A 33 -16.80 -34.52 -7.18
CA THR A 33 -15.45 -34.48 -7.83
C THR A 33 -15.07 -33.08 -8.36
N MET A 34 -16.06 -32.19 -8.53
CA MET A 34 -15.82 -30.77 -8.85
C MET A 34 -14.94 -30.13 -7.78
N ARG A 35 -13.85 -29.46 -8.20
CA ARG A 35 -12.95 -28.78 -7.27
C ARG A 35 -13.31 -27.28 -7.26
N ILE A 36 -13.93 -26.83 -6.14
CA ILE A 36 -14.47 -25.47 -6.07
C ILE A 36 -13.64 -24.59 -5.15
N ALA A 37 -12.98 -23.57 -5.71
CA ALA A 37 -12.20 -22.62 -4.93
C ALA A 37 -13.13 -21.52 -4.41
N TYR A 38 -12.88 -21.11 -3.18
CA TYR A 38 -13.63 -20.03 -2.54
C TYR A 38 -12.70 -18.87 -2.22
N ALA A 39 -13.05 -17.66 -2.68
CA ALA A 39 -12.18 -16.50 -2.58
C ALA A 39 -12.53 -15.61 -1.39
N GLY A 40 -13.53 -16.01 -0.61
CA GLY A 40 -14.05 -15.18 0.50
C GLY A 40 -13.16 -15.26 1.74
N LEU A 41 -13.24 -14.24 2.59
CA LEU A 41 -12.50 -14.21 3.85
C LEU A 41 -13.31 -14.86 4.95
N ARG A 42 -14.64 -14.76 4.83
CA ARG A 42 -15.58 -15.25 5.85
C ARG A 42 -16.34 -16.47 5.36
N ARG A 43 -16.96 -17.18 6.30
CA ARG A 43 -17.74 -18.38 6.02
C ARG A 43 -16.90 -19.54 5.41
N LYS A 44 -15.60 -19.55 5.67
CA LYS A 44 -14.71 -20.61 5.18
C LYS A 44 -15.16 -22.00 5.66
N GLU A 45 -15.59 -22.12 6.92
CA GLU A 45 -16.05 -23.42 7.43
C GLU A 45 -17.42 -23.84 6.87
N GLU A 46 -18.34 -22.88 6.74
CA GLU A 46 -19.62 -23.18 6.12
C GLU A 46 -19.42 -23.69 4.70
N PHE A 47 -18.51 -23.04 3.96
CA PHE A 47 -18.22 -23.45 2.59
C PHE A 47 -17.72 -24.89 2.56
N LYS A 48 -16.73 -25.19 3.39
CA LYS A 48 -16.24 -26.57 3.49
C LYS A 48 -17.34 -27.57 3.89
N ALA A 49 -18.18 -27.20 4.86
CA ALA A 49 -19.35 -28.01 5.23
C ALA A 49 -20.31 -28.26 4.06
N LEU A 50 -20.63 -27.21 3.31
CA LEU A 50 -21.51 -27.34 2.14
C LEU A 50 -20.88 -28.20 1.06
N ALA A 51 -19.57 -28.07 0.87
CA ALA A 51 -18.84 -28.90 -0.10
C ALA A 51 -18.92 -30.38 0.27
N GLU A 52 -18.69 -30.68 1.54
CA GLU A 52 -18.71 -32.07 2.00
C GLU A 52 -20.12 -32.65 2.17
N LYS A 53 -21.14 -31.82 1.98
N LYS A 53 -21.12 -31.81 1.96
CA LYS A 53 -22.52 -32.28 1.99
CA LYS A 53 -22.53 -32.18 2.01
C LYS A 53 -23.06 -32.45 0.56
C LYS A 53 -23.09 -32.39 0.59
N LEU A 54 -22.53 -31.65 -0.37
CA LEU A 54 -22.97 -31.70 -1.77
C LEU A 54 -22.00 -32.46 -2.67
N GLY A 55 -20.98 -33.09 -2.08
CA GLY A 55 -19.98 -33.82 -2.85
C GLY A 55 -19.27 -32.93 -3.85
N PHE A 56 -18.58 -31.92 -3.32
CA PHE A 56 -17.62 -31.09 -4.03
C PHE A 56 -16.35 -31.14 -3.17
N THR A 57 -15.21 -30.87 -3.78
CA THR A 57 -13.96 -30.71 -3.06
C THR A 57 -13.70 -29.22 -2.87
N PRO A 58 -13.64 -28.76 -1.60
CA PRO A 58 -13.46 -27.33 -1.36
C PRO A 58 -12.00 -26.93 -1.37
N LEU A 59 -11.73 -25.77 -1.96
CA LEU A 59 -10.41 -25.18 -1.88
C LEU A 59 -10.53 -23.74 -1.37
N LEU A 60 -9.61 -23.34 -0.49
CA LEU A 60 -9.66 -22.01 0.11
C LEU A 60 -8.57 -21.13 -0.47
N PHE A 61 -8.96 -20.03 -1.13
CA PHE A 61 -7.97 -19.16 -1.71
C PHE A 61 -8.36 -17.70 -1.50
N PRO A 62 -8.17 -17.20 -0.27
CA PRO A 62 -8.57 -15.81 -0.01
C PRO A 62 -7.69 -14.82 -0.74
N VAL A 63 -8.29 -13.69 -1.11
CA VAL A 63 -7.53 -12.68 -1.82
C VAL A 63 -7.49 -11.32 -1.17
N GLN A 64 -8.15 -11.18 -0.03
CA GLN A 64 -7.99 -9.95 0.74
C GLN A 64 -7.27 -10.21 2.07
N ALA A 65 -6.47 -9.23 2.49
CA ALA A 65 -5.77 -9.28 3.76
C ALA A 65 -6.69 -8.70 4.82
N THR A 66 -7.32 -7.58 4.52
CA THR A 66 -8.12 -6.87 5.51
C THR A 66 -9.49 -6.57 4.93
N GLU A 67 -10.44 -6.30 5.81
CA GLU A 67 -11.77 -5.97 5.36
C GLU A 67 -12.30 -4.76 6.09
N LYS A 68 -12.60 -3.73 5.31
CA LYS A 68 -13.34 -2.56 5.76
C LYS A 68 -12.68 -1.87 6.96
N VAL A 69 -11.35 -1.65 6.91
CA VAL A 69 -10.66 -0.83 7.92
C VAL A 69 -11.03 0.66 7.69
N PRO A 70 -11.49 1.37 8.73
CA PRO A 70 -11.77 2.80 8.54
C PRO A 70 -10.58 3.57 8.00
N VAL A 71 -10.85 4.57 7.16
CA VAL A 71 -9.83 5.50 6.63
C VAL A 71 -9.87 6.82 7.43
N PRO A 72 -8.88 7.05 8.32
CA PRO A 72 -8.85 8.27 9.14
C PRO A 72 -8.91 9.58 8.33
N GLU A 73 -8.38 9.56 7.11
CA GLU A 73 -8.27 10.73 6.20
CA GLU A 73 -8.30 10.80 6.31
C GLU A 73 -9.58 11.12 5.55
N TYR A 74 -10.61 10.30 5.75
CA TYR A 74 -11.84 10.51 4.96
C TYR A 74 -12.43 11.91 5.15
N ARG A 75 -12.51 12.38 6.40
CA ARG A 75 -13.16 13.70 6.60
C ARG A 75 -12.36 14.78 5.90
N ASP A 76 -11.03 14.66 5.90
CA ASP A 76 -10.20 15.60 5.16
C ASP A 76 -10.49 15.56 3.66
N GLN A 77 -10.70 14.35 3.15
CA GLN A 77 -10.99 14.19 1.70
C GLN A 77 -12.29 14.90 1.36
N VAL A 78 -13.29 14.73 2.21
CA VAL A 78 -14.61 15.35 1.97
C VAL A 78 -14.51 16.87 2.09
N ARG A 79 -13.74 17.37 3.08
CA ARG A 79 -13.48 18.82 3.17
C ARG A 79 -12.82 19.34 1.88
N GLU A 80 -11.89 18.56 1.31
CA GLU A 80 -11.27 19.02 0.05
C GLU A 80 -12.27 19.04 -1.10
N LEU A 81 -13.14 18.04 -1.18
CA LEU A 81 -14.21 18.02 -2.18
C LEU A 81 -15.04 19.30 -2.15
N ALA A 82 -15.30 19.80 -0.94
CA ALA A 82 -16.12 20.99 -0.77
C ALA A 82 -15.47 22.26 -1.33
N GLN A 83 -14.18 22.20 -1.65
N GLN A 83 -14.17 22.22 -1.61
CA GLN A 83 -13.42 23.33 -2.19
CA GLN A 83 -13.44 23.38 -2.17
C GLN A 83 -13.54 23.44 -3.70
C GLN A 83 -13.77 23.56 -3.65
N GLY A 84 -14.31 22.51 -4.28
CA GLY A 84 -14.65 22.51 -5.72
C GLY A 84 -13.82 21.51 -6.49
N VAL A 85 -14.47 20.86 -7.45
CA VAL A 85 -13.79 19.93 -8.38
C VAL A 85 -14.32 20.08 -9.80
N ASP A 86 -13.53 19.64 -10.75
CA ASP A 86 -13.96 19.67 -12.15
C ASP A 86 -14.81 18.50 -12.58
N LEU A 87 -14.51 17.33 -12.00
CA LEU A 87 -15.24 16.11 -12.33
C LEU A 87 -15.52 15.35 -11.04
N PHE A 88 -16.66 14.67 -11.03
CA PHE A 88 -17.03 13.76 -9.93
C PHE A 88 -17.50 12.46 -10.52
N LEU A 89 -16.99 11.37 -9.96
N LEU A 89 -16.90 11.36 -10.06
CA LEU A 89 -17.15 10.05 -10.50
CA LEU A 89 -17.23 10.03 -10.54
C LEU A 89 -17.64 9.14 -9.39
C LEU A 89 -17.69 9.23 -9.36
N ALA A 90 -18.91 8.75 -9.48
CA ALA A 90 -19.59 7.87 -8.50
C ALA A 90 -19.56 6.41 -8.92
N THR A 91 -19.31 5.52 -7.96
CA THR A 91 -19.29 4.08 -8.27
C THR A 91 -20.45 3.29 -7.64
N THR A 92 -20.92 3.71 -6.46
CA THR A 92 -22.00 2.96 -5.79
C THR A 92 -23.10 3.88 -5.23
N GLY A 93 -24.31 3.33 -5.14
CA GLY A 93 -25.46 4.03 -4.54
C GLY A 93 -25.20 4.35 -3.08
N VAL A 94 -24.84 3.32 -2.33
CA VAL A 94 -24.57 3.50 -0.88
C VAL A 94 -23.39 4.50 -0.65
N GLY A 95 -22.35 4.45 -1.51
CA GLY A 95 -21.19 5.33 -1.34
C GLY A 95 -21.58 6.79 -1.60
N VAL A 96 -22.45 7.02 -2.59
CA VAL A 96 -22.90 8.40 -2.86
C VAL A 96 -23.72 8.88 -1.64
N ARG A 97 -24.67 8.04 -1.21
CA ARG A 97 -25.53 8.44 -0.05
C ARG A 97 -24.70 8.77 1.17
N ASP A 98 -23.72 7.91 1.46
CA ASP A 98 -22.91 8.11 2.65
C ASP A 98 -22.02 9.34 2.49
N LEU A 99 -21.53 9.58 1.27
CA LEU A 99 -20.72 10.77 1.01
C LEU A 99 -21.53 12.08 1.24
N LEU A 100 -22.72 12.14 0.65
CA LEU A 100 -23.56 13.34 0.73
C LEU A 100 -23.97 13.59 2.17
N GLU A 101 -24.26 12.52 2.90
CA GLU A 101 -24.60 12.67 4.32
C GLU A 101 -23.38 13.18 5.13
N ALA A 102 -22.21 12.60 4.88
CA ALA A 102 -20.99 13.06 5.54
C ALA A 102 -20.72 14.57 5.32
N GLY A 103 -20.91 15.05 4.09
CA GLY A 103 -20.68 16.45 3.81
C GLY A 103 -21.60 17.30 4.68
N LYS A 104 -22.87 16.93 4.73
CA LYS A 104 -23.83 17.66 5.60
C LYS A 104 -23.46 17.57 7.08
N ALA A 105 -23.06 16.38 7.52
CA ALA A 105 -22.70 16.19 8.94
C ALA A 105 -21.51 17.07 9.33
N LEU A 106 -20.59 17.24 8.38
CA LEU A 106 -19.40 18.05 8.52
C LEU A 106 -19.64 19.56 8.36
N GLY A 107 -20.88 19.98 8.06
CA GLY A 107 -21.18 21.40 7.92
C GLY A 107 -20.68 21.99 6.61
N LEU A 108 -20.54 21.10 5.64
CA LEU A 108 -20.10 21.48 4.29
C LEU A 108 -21.23 21.59 3.28
N ASP A 109 -20.99 22.42 2.28
CA ASP A 109 -21.84 22.50 1.09
C ASP A 109 -21.18 21.66 0.00
N LEU A 110 -21.68 20.45 -0.18
CA LEU A 110 -21.21 19.60 -1.30
C LEU A 110 -22.10 19.81 -2.51
N GLU A 111 -23.37 20.16 -2.28
CA GLU A 111 -24.30 20.31 -3.40
C GLU A 111 -23.85 21.38 -4.40
N GLY A 112 -23.33 22.49 -3.90
CA GLY A 112 -22.88 23.58 -4.78
C GLY A 112 -21.74 23.17 -5.70
N PRO A 113 -20.64 22.69 -5.10
CA PRO A 113 -19.56 22.20 -5.96
C PRO A 113 -19.96 21.03 -6.84
N LEU A 114 -20.78 20.08 -6.36
CA LEU A 114 -21.07 18.91 -7.20
C LEU A 114 -21.99 19.34 -8.37
N ALA A 115 -22.87 20.33 -8.13
CA ALA A 115 -23.73 20.88 -9.23
C ALA A 115 -22.93 21.50 -10.37
N LYS A 116 -21.78 22.10 -10.04
CA LYS A 116 -20.88 22.70 -11.04
C LYS A 116 -19.99 21.69 -11.78
N ALA A 117 -19.74 20.55 -11.14
CA ALA A 117 -18.83 19.54 -11.69
C ALA A 117 -19.50 18.74 -12.82
N PHE A 118 -18.68 18.17 -13.70
CA PHE A 118 -19.17 17.19 -14.63
C PHE A 118 -19.25 15.88 -13.83
N ARG A 119 -20.40 15.25 -13.85
CA ARG A 119 -20.64 14.06 -12.98
C ARG A 119 -20.88 12.78 -13.79
N LEU A 120 -20.18 11.71 -13.41
CA LEU A 120 -20.39 10.41 -13.99
C LEU A 120 -20.83 9.43 -12.93
N ALA A 121 -21.62 8.45 -13.37
CA ALA A 121 -22.04 7.31 -12.50
C ALA A 121 -21.64 6.03 -13.19
N ARG A 122 -20.93 5.15 -12.49
CA ARG A 122 -20.52 3.91 -13.12
C ARG A 122 -21.68 3.02 -13.51
N GLY A 123 -22.74 3.01 -12.71
CA GLY A 123 -23.88 2.16 -12.95
C GLY A 123 -25.16 2.79 -12.40
N ALA A 124 -26.24 2.04 -12.52
CA ALA A 124 -27.60 2.55 -12.24
C ALA A 124 -27.77 2.90 -10.76
N LYS A 125 -27.16 2.15 -9.83
CA LYS A 125 -27.44 2.45 -8.42
C LYS A 125 -26.76 3.77 -8.04
N ALA A 126 -25.54 4.00 -8.54
CA ALA A 126 -24.86 5.28 -8.29
C ALA A 126 -25.63 6.42 -8.96
N ALA A 127 -26.09 6.16 -10.18
CA ALA A 127 -26.84 7.20 -10.89
C ALA A 127 -28.08 7.61 -10.08
N ARG A 128 -28.82 6.61 -9.58
CA ARG A 128 -30.08 6.86 -8.90
C ARG A 128 -29.84 7.64 -7.61
N ALA A 129 -28.77 7.30 -6.89
CA ALA A 129 -28.43 8.04 -5.65
C ALA A 129 -28.16 9.50 -5.96
N LEU A 130 -27.39 9.74 -7.02
CA LEU A 130 -27.17 11.11 -7.49
C LEU A 130 -28.47 11.83 -7.88
N LYS A 131 -29.31 11.16 -8.66
CA LYS A 131 -30.59 11.73 -9.08
C LYS A 131 -31.41 12.15 -7.84
N GLU A 132 -31.47 11.26 -6.83
CA GLU A 132 -32.25 11.52 -5.60
C GLU A 132 -31.76 12.78 -4.85
N ALA A 133 -30.47 13.09 -5.00
CA ALA A 133 -29.86 14.27 -4.34
C ALA A 133 -30.03 15.52 -5.20
N GLY A 134 -30.68 15.37 -6.36
CA GLY A 134 -30.83 16.50 -7.25
C GLY A 134 -29.58 16.78 -8.08
N LEU A 135 -28.75 15.74 -8.21
CA LEU A 135 -27.48 15.85 -8.88
C LEU A 135 -27.31 14.75 -9.96
N PRO A 136 -28.34 14.54 -10.84
CA PRO A 136 -28.29 13.38 -11.72
C PRO A 136 -27.01 13.45 -12.59
N PRO A 137 -26.39 12.31 -12.84
CA PRO A 137 -25.13 12.30 -13.60
C PRO A 137 -25.31 12.79 -15.05
N HIS A 138 -24.26 13.39 -15.60
CA HIS A 138 -24.22 13.72 -17.05
C HIS A 138 -23.94 12.51 -17.89
N ALA A 139 -23.30 11.49 -17.30
CA ALA A 139 -22.91 10.30 -18.07
C ALA A 139 -23.06 9.09 -17.17
N VAL A 140 -23.63 8.03 -17.74
CA VAL A 140 -23.86 6.79 -16.97
C VAL A 140 -23.32 5.57 -17.72
N GLY A 141 -22.47 4.81 -17.00
CA GLY A 141 -21.85 3.61 -17.53
C GLY A 141 -22.81 2.45 -17.47
N ASP A 142 -22.27 1.23 -17.66
CA ASP A 142 -23.07 0.00 -17.73
C ASP A 142 -22.79 -0.89 -16.53
N GLY A 143 -22.20 -0.30 -15.50
CA GLY A 143 -21.85 -1.02 -14.31
C GLY A 143 -20.40 -1.37 -14.24
N THR A 144 -19.67 -1.13 -15.34
CA THR A 144 -18.22 -1.42 -15.36
C THR A 144 -17.39 -0.15 -15.55
N SER A 145 -16.19 -0.13 -15.00
CA SER A 145 -15.29 1.02 -15.16
C SER A 145 -15.01 1.32 -16.61
N LYS A 146 -14.72 0.25 -17.38
CA LYS A 146 -14.32 0.44 -18.77
C LYS A 146 -15.39 1.18 -19.59
N SER A 147 -16.65 1.07 -19.18
CA SER A 147 -17.77 1.73 -19.90
C SER A 147 -17.70 3.25 -19.75
N LEU A 148 -16.99 3.73 -18.73
CA LEU A 148 -16.84 5.18 -18.51
C LEU A 148 -15.75 5.83 -19.33
N LEU A 149 -14.81 5.04 -19.86
CA LEU A 149 -13.69 5.61 -20.59
C LEU A 149 -14.10 6.52 -21.77
N PRO A 150 -15.04 6.05 -22.62
CA PRO A 150 -15.46 6.89 -23.78
C PRO A 150 -16.25 8.09 -23.33
N LEU A 151 -16.73 8.06 -22.08
CA LEU A 151 -17.55 9.14 -21.53
C LEU A 151 -16.78 10.24 -20.78
N LEU A 152 -15.50 10.00 -20.48
CA LEU A 152 -14.66 11.00 -19.82
C LEU A 152 -14.27 12.21 -20.68
N PRO A 153 -14.61 13.41 -20.21
CA PRO A 153 -14.15 14.61 -20.95
C PRO A 153 -12.66 14.89 -20.77
N GLN A 154 -12.02 15.44 -21.80
CA GLN A 154 -10.69 16.00 -21.60
C GLN A 154 -10.83 17.26 -20.73
N GLY A 155 -9.95 17.42 -19.74
CA GLY A 155 -10.12 18.55 -18.84
C GLY A 155 -8.90 18.89 -18.04
N ARG A 156 -9.14 19.43 -16.85
CA ARG A 156 -8.11 19.99 -16.04
C ARG A 156 -8.63 19.98 -14.62
N GLY A 157 -7.73 20.12 -13.66
CA GLY A 157 -8.08 20.25 -12.29
C GLY A 157 -8.27 18.88 -11.70
N VAL A 158 -9.31 18.79 -10.89
CA VAL A 158 -9.45 17.69 -9.96
C VAL A 158 -10.63 16.81 -10.34
N ALA A 159 -10.40 15.50 -10.31
CA ALA A 159 -11.47 14.49 -10.47
C ALA A 159 -11.67 13.77 -9.12
N ALA A 160 -12.81 14.01 -8.49
CA ALA A 160 -13.12 13.35 -7.22
C ALA A 160 -13.71 12.00 -7.56
N LEU A 161 -13.25 10.95 -6.90
N LEU A 161 -13.20 10.97 -6.89
CA LEU A 161 -13.70 9.61 -7.24
CA LEU A 161 -13.67 9.62 -7.10
C LEU A 161 -14.20 8.89 -5.99
C LEU A 161 -14.27 9.09 -5.83
N GLN A 162 -15.52 8.67 -5.93
CA GLN A 162 -16.16 8.01 -4.79
C GLN A 162 -15.87 6.52 -4.92
N LEU A 163 -15.20 6.01 -3.88
CA LEU A 163 -14.69 4.63 -3.87
C LEU A 163 -15.38 3.71 -2.86
N TYR A 164 -15.17 2.41 -3.06
CA TYR A 164 -15.81 1.38 -2.26
C TYR A 164 -14.75 0.49 -1.59
N GLY A 165 -13.60 1.06 -1.27
CA GLY A 165 -12.64 0.36 -0.38
C GLY A 165 -11.32 0.08 -1.06
N LYS A 166 -11.23 0.33 -2.36
CA LYS A 166 -9.97 0.12 -3.06
C LYS A 166 -9.77 1.13 -4.23
N PRO A 167 -8.50 1.34 -4.69
CA PRO A 167 -8.22 2.15 -5.88
C PRO A 167 -8.92 1.59 -7.11
N LEU A 168 -9.04 2.43 -8.14
CA LEU A 168 -9.65 2.00 -9.41
C LEU A 168 -8.58 2.30 -10.45
N PRO A 169 -7.62 1.38 -10.59
CA PRO A 169 -6.45 1.71 -11.37
C PRO A 169 -6.75 2.08 -12.82
N LEU A 170 -7.71 1.41 -13.47
CA LEU A 170 -8.09 1.74 -14.86
C LEU A 170 -8.54 3.19 -14.97
N LEU A 171 -9.47 3.56 -14.10
CA LEU A 171 -10.01 4.93 -14.14
C LEU A 171 -8.99 5.96 -13.69
N GLU A 172 -8.21 5.65 -12.65
CA GLU A 172 -7.17 6.56 -12.20
C GLU A 172 -6.18 6.89 -13.31
N ASN A 173 -5.73 5.87 -14.01
CA ASN A 173 -4.85 6.11 -15.14
C ASN A 173 -5.52 6.94 -16.24
N ALA A 174 -6.74 6.57 -16.61
CA ALA A 174 -7.49 7.29 -17.66
C ALA A 174 -7.69 8.77 -17.31
N LEU A 175 -7.97 9.02 -16.05
CA LEU A 175 -8.19 10.39 -15.61
C LEU A 175 -6.87 11.20 -15.64
N ALA A 176 -5.77 10.56 -15.25
CA ALA A 176 -4.46 11.25 -15.29
C ALA A 176 -4.09 11.59 -16.73
N GLU A 177 -4.37 10.66 -17.64
N GLU A 177 -4.41 10.69 -17.65
CA GLU A 177 -4.18 10.90 -19.08
CA GLU A 177 -4.15 10.93 -19.09
C GLU A 177 -4.97 12.13 -19.53
C GLU A 177 -5.11 11.95 -19.72
N ARG A 178 -6.19 12.27 -19.02
CA ARG A 178 -7.16 13.30 -19.46
C ARG A 178 -7.01 14.62 -18.72
N GLY A 179 -5.96 14.67 -17.91
CA GLY A 179 -5.51 15.93 -17.32
C GLY A 179 -5.99 16.20 -15.91
N TYR A 180 -6.48 15.17 -15.23
CA TYR A 180 -7.01 15.36 -13.85
C TYR A 180 -6.13 14.75 -12.78
N ARG A 181 -6.06 15.43 -11.61
CA ARG A 181 -5.56 14.85 -10.38
C ARG A 181 -6.76 14.13 -9.76
N VAL A 182 -6.53 12.93 -9.24
CA VAL A 182 -7.60 12.18 -8.57
C VAL A 182 -7.67 12.53 -7.07
N LEU A 183 -8.87 12.88 -6.60
CA LEU A 183 -9.15 13.08 -5.15
C LEU A 183 -9.98 11.86 -4.71
N PRO A 184 -9.38 10.93 -3.93
CA PRO A 184 -10.13 9.75 -3.53
C PRO A 184 -11.06 10.09 -2.38
N LEU A 185 -12.24 9.46 -2.38
CA LEU A 185 -13.22 9.65 -1.33
C LEU A 185 -13.57 8.26 -0.87
N MET A 186 -12.92 7.86 0.22
CA MET A 186 -12.95 6.52 0.64
C MET A 186 -13.05 6.38 2.18
N PRO A 187 -14.22 6.01 2.68
CA PRO A 187 -14.50 5.90 4.12
C PRO A 187 -13.88 4.67 4.79
N TYR A 188 -13.48 3.69 4.01
N TYR A 188 -13.70 3.62 4.00
CA TYR A 188 -12.82 2.52 4.60
CA TYR A 188 -13.19 2.32 4.51
C TYR A 188 -11.86 1.98 3.55
C TYR A 188 -12.28 1.73 3.46
N ARG A 189 -11.01 1.05 3.93
N ARG A 189 -11.28 0.98 3.90
CA ARG A 189 -10.08 0.47 2.96
CA ARG A 189 -10.33 0.39 2.98
C ARG A 189 -9.94 -1.04 3.11
C ARG A 189 -10.23 -1.12 3.13
N HIS A 190 -10.06 -1.75 1.98
CA HIS A 190 -9.81 -3.19 1.91
C HIS A 190 -8.39 -3.32 1.32
N LEU A 191 -7.58 -4.25 1.84
CA LEU A 191 -6.26 -4.48 1.25
C LEU A 191 -6.15 -5.86 0.61
N PRO A 192 -5.44 -5.97 -0.52
CA PRO A 192 -5.24 -7.30 -1.14
C PRO A 192 -4.24 -8.14 -0.34
N ASP A 193 -4.29 -9.45 -0.57
CA ASP A 193 -3.32 -10.45 -0.06
C ASP A 193 -2.52 -10.81 -1.33
N PRO A 194 -1.41 -10.11 -1.58
CA PRO A 194 -0.76 -10.33 -2.87
C PRO A 194 -0.30 -11.78 -3.09
N GLU A 195 0.28 -12.41 -2.07
CA GLU A 195 0.71 -13.80 -2.25
C GLU A 195 -0.48 -14.72 -2.42
N GLY A 196 -1.58 -14.41 -1.73
CA GLY A 196 -2.78 -15.25 -1.86
C GLY A 196 -3.32 -15.13 -3.27
N ILE A 197 -3.27 -13.90 -3.79
CA ILE A 197 -3.70 -13.68 -5.18
C ILE A 197 -2.87 -14.52 -6.17
N LEU A 198 -1.55 -14.50 -5.99
CA LEU A 198 -0.69 -15.31 -6.87
C LEU A 198 -0.97 -16.81 -6.73
N ARG A 199 -1.25 -17.28 -5.50
CA ARG A 199 -1.57 -18.69 -5.30
C ARG A 199 -2.86 -19.12 -6.03
N LEU A 200 -3.86 -18.25 -6.00
CA LEU A 200 -5.11 -18.57 -6.63
C LEU A 200 -4.94 -18.55 -8.15
N GLU A 201 -4.25 -17.55 -8.66
CA GLU A 201 -3.94 -17.52 -10.11
C GLU A 201 -3.20 -18.81 -10.53
N GLU A 202 -2.21 -19.23 -9.75
N GLU A 202 -2.23 -19.23 -9.74
CA GLU A 202 -1.43 -20.43 -10.08
CA GLU A 202 -1.42 -20.41 -10.08
C GLU A 202 -2.35 -21.64 -10.12
C GLU A 202 -2.26 -21.68 -10.06
N ALA A 203 -3.20 -21.78 -9.10
CA ALA A 203 -4.06 -22.97 -9.00
C ALA A 203 -5.00 -23.03 -10.23
N VAL A 204 -5.53 -21.88 -10.62
CA VAL A 204 -6.37 -21.82 -11.81
C VAL A 204 -5.57 -22.22 -13.06
N LEU A 205 -4.42 -21.60 -13.22
CA LEU A 205 -3.65 -21.78 -14.47
C LEU A 205 -2.95 -23.16 -14.53
N ARG A 206 -2.79 -23.81 -13.38
CA ARG A 206 -2.28 -25.22 -13.33
C ARG A 206 -3.36 -26.28 -13.51
N GLY A 207 -4.61 -25.86 -13.78
CA GLY A 207 -5.69 -26.84 -13.94
C GLY A 207 -6.13 -27.54 -12.66
N GLU A 208 -5.97 -26.88 -11.51
CA GLU A 208 -6.29 -27.48 -10.19
C GLU A 208 -7.66 -27.09 -9.62
N VAL A 209 -8.38 -26.30 -10.41
N VAL A 209 -8.42 -26.31 -10.39
CA VAL A 209 -9.69 -25.78 -10.02
CA VAL A 209 -9.73 -25.80 -9.95
C VAL A 209 -10.71 -26.02 -11.15
C VAL A 209 -10.75 -25.83 -11.08
N ASP A 210 -11.93 -26.38 -10.79
CA ASP A 210 -13.00 -26.47 -11.80
C ASP A 210 -14.00 -25.32 -11.72
N ALA A 211 -14.11 -24.71 -10.55
CA ALA A 211 -15.01 -23.54 -10.42
C ALA A 211 -14.44 -22.62 -9.33
N LEU A 212 -14.79 -21.36 -9.43
CA LEU A 212 -14.24 -20.33 -8.56
C LEU A 212 -15.37 -19.41 -8.11
N ALA A 213 -15.56 -19.42 -6.80
CA ALA A 213 -16.63 -18.66 -6.15
C ALA A 213 -16.13 -17.32 -5.59
N PHE A 214 -16.67 -16.25 -6.16
CA PHE A 214 -16.40 -14.88 -5.72
C PHE A 214 -17.64 -14.40 -4.99
N VAL A 215 -17.48 -14.04 -3.73
CA VAL A 215 -18.60 -13.53 -2.95
C VAL A 215 -18.75 -12.02 -2.95
N ALA A 216 -17.72 -11.31 -3.39
CA ALA A 216 -17.73 -9.85 -3.47
C ALA A 216 -16.92 -9.36 -4.69
N ALA A 217 -17.36 -8.25 -5.30
CA ALA A 217 -16.65 -7.65 -6.42
C ALA A 217 -15.16 -7.37 -6.17
N ILE A 218 -14.80 -6.87 -4.98
N ILE A 218 -14.86 -6.89 -4.97
CA ILE A 218 -13.39 -6.56 -4.71
CA ILE A 218 -13.50 -6.60 -4.56
C ILE A 218 -12.54 -7.84 -4.79
C ILE A 218 -12.60 -7.81 -4.78
N GLN A 219 -13.13 -9.01 -4.54
CA GLN A 219 -12.31 -10.25 -4.72
C GLN A 219 -11.93 -10.46 -6.20
N VAL A 220 -12.90 -10.21 -7.09
CA VAL A 220 -12.61 -10.32 -8.54
C VAL A 220 -11.55 -9.29 -8.92
N GLU A 221 -11.74 -8.06 -8.50
CA GLU A 221 -10.79 -6.97 -8.82
C GLU A 221 -9.41 -7.24 -8.27
N PHE A 222 -9.35 -7.62 -7.00
CA PHE A 222 -8.04 -7.92 -6.43
C PHE A 222 -7.32 -9.04 -7.19
N LEU A 223 -8.05 -10.10 -7.52
CA LEU A 223 -7.45 -11.25 -8.22
C LEU A 223 -6.86 -10.77 -9.57
N PHE A 224 -7.66 -10.07 -10.39
CA PHE A 224 -7.15 -9.68 -11.70
C PHE A 224 -6.08 -8.60 -11.63
N GLU A 225 -6.22 -7.64 -10.71
CA GLU A 225 -5.21 -6.57 -10.59
C GLU A 225 -3.88 -7.13 -10.10
N GLY A 226 -3.94 -8.21 -9.30
CA GLY A 226 -2.71 -8.77 -8.71
C GLY A 226 -2.10 -9.97 -9.43
N ALA A 227 -2.77 -10.39 -10.49
CA ALA A 227 -2.32 -11.54 -11.28
C ALA A 227 -1.12 -11.19 -12.16
N LYS A 228 -0.28 -12.19 -12.38
CA LYS A 228 0.85 -12.04 -13.31
C LYS A 228 0.34 -12.04 -14.75
N ASP A 229 -0.72 -12.82 -14.98
CA ASP A 229 -1.22 -13.05 -16.36
C ASP A 229 -2.73 -12.94 -16.39
N PRO A 230 -3.25 -11.71 -16.26
CA PRO A 230 -4.72 -11.59 -16.29
C PRO A 230 -5.40 -12.06 -17.59
N LYS A 231 -4.71 -11.93 -18.73
CA LYS A 231 -5.24 -12.45 -20.01
C LYS A 231 -5.44 -13.96 -19.93
N ALA A 232 -4.43 -14.67 -19.44
CA ALA A 232 -4.58 -16.13 -19.28
C ALA A 232 -5.65 -16.51 -18.26
N LEU A 233 -5.74 -15.72 -17.20
CA LEU A 233 -6.74 -16.01 -16.18
C LEU A 233 -8.17 -15.83 -16.74
N ARG A 234 -8.35 -14.74 -17.49
N ARG A 234 -8.40 -14.78 -17.53
CA ARG A 234 -9.58 -14.46 -18.20
CA ARG A 234 -9.72 -14.61 -18.17
C ARG A 234 -9.93 -15.63 -19.14
C ARG A 234 -10.09 -15.79 -19.09
N GLU A 235 -8.97 -16.07 -19.94
N GLU A 235 -9.19 -16.16 -19.98
CA GLU A 235 -9.19 -17.22 -20.83
CA GLU A 235 -9.46 -17.32 -20.86
C GLU A 235 -9.64 -18.50 -20.11
C GLU A 235 -9.79 -18.55 -20.03
N ALA A 236 -9.00 -18.80 -18.98
CA ALA A 236 -9.28 -19.98 -18.13
C ALA A 236 -10.69 -19.90 -17.56
N LEU A 237 -11.05 -18.73 -17.03
CA LEU A 237 -12.37 -18.48 -16.43
C LEU A 237 -13.53 -18.40 -17.43
N ASN A 238 -13.17 -18.35 -18.73
CA ASN A 238 -14.18 -18.45 -19.79
C ASN A 238 -14.34 -19.85 -20.43
N THR A 239 -13.46 -20.77 -20.02
CA THR A 239 -13.41 -22.06 -20.66
C THR A 239 -13.45 -23.16 -19.59
N ARG A 240 -12.31 -23.43 -18.99
N ARG A 240 -12.31 -23.50 -19.04
CA ARG A 240 -12.13 -24.63 -18.19
CA ARG A 240 -12.22 -24.68 -18.19
C ARG A 240 -12.53 -24.48 -16.72
C ARG A 240 -12.77 -24.46 -16.79
N VAL A 241 -12.62 -23.23 -16.29
CA VAL A 241 -12.97 -22.92 -14.90
C VAL A 241 -14.24 -22.08 -14.90
N LYS A 242 -15.22 -22.49 -14.11
CA LYS A 242 -16.53 -21.81 -14.10
C LYS A 242 -16.49 -20.77 -12.99
N ALA A 243 -16.65 -19.49 -13.38
CA ALA A 243 -16.74 -18.39 -12.40
C ALA A 243 -18.15 -18.32 -11.84
N LEU A 244 -18.22 -18.31 -10.50
CA LEU A 244 -19.49 -18.19 -9.80
C LEU A 244 -19.48 -16.87 -9.03
N ALA A 245 -20.57 -16.10 -9.16
CA ALA A 245 -20.64 -14.77 -8.58
C ALA A 245 -21.80 -14.62 -7.61
N VAL A 246 -21.55 -14.07 -6.42
CA VAL A 246 -22.67 -13.69 -5.54
C VAL A 246 -23.03 -12.23 -5.82
N GLY A 247 -24.17 -12.03 -6.44
CA GLY A 247 -24.68 -10.68 -6.75
C GLY A 247 -24.27 -10.09 -8.10
N ARG A 248 -25.12 -9.23 -8.64
N ARG A 248 -25.14 -9.25 -8.65
CA ARG A 248 -24.84 -8.58 -9.90
CA ARG A 248 -24.90 -8.50 -9.87
C ARG A 248 -23.62 -7.67 -9.81
C ARG A 248 -23.60 -7.73 -9.79
N VAL A 249 -23.32 -7.14 -8.62
CA VAL A 249 -22.11 -6.32 -8.49
C VAL A 249 -20.84 -7.16 -8.77
N THR A 250 -20.82 -8.34 -8.18
CA THR A 250 -19.69 -9.27 -8.43
C THR A 250 -19.66 -9.69 -9.91
N ALA A 251 -20.84 -9.99 -10.46
CA ALA A 251 -20.92 -10.33 -11.88
C ALA A 251 -20.38 -9.21 -12.79
N ASP A 252 -20.75 -7.96 -12.48
CA ASP A 252 -20.21 -6.81 -13.25
C ASP A 252 -18.67 -6.70 -13.21
N ALA A 253 -18.10 -7.05 -12.05
CA ALA A 253 -16.64 -7.03 -11.88
C ALA A 253 -16.00 -8.07 -12.79
N LEU A 254 -16.64 -9.23 -12.90
CA LEU A 254 -16.16 -10.26 -13.84
C LEU A 254 -16.26 -9.73 -15.27
N ARG A 255 -17.37 -9.08 -15.59
CA ARG A 255 -17.55 -8.52 -16.92
C ARG A 255 -16.51 -7.44 -17.24
N GLU A 256 -16.17 -6.61 -16.25
CA GLU A 256 -15.08 -5.63 -16.40
C GLU A 256 -13.82 -6.31 -16.94
N TRP A 257 -13.55 -7.50 -16.39
CA TRP A 257 -12.36 -8.25 -16.72
C TRP A 257 -12.56 -9.22 -17.86
N GLY A 258 -13.70 -9.12 -18.54
CA GLY A 258 -13.92 -9.93 -19.76
C GLY A 258 -14.35 -11.36 -19.53
N VAL A 259 -14.74 -11.66 -18.28
CA VAL A 259 -15.21 -13.00 -17.93
C VAL A 259 -16.72 -13.06 -17.92
N LYS A 260 -17.25 -14.09 -18.59
CA LYS A 260 -18.68 -14.45 -18.54
C LYS A 260 -18.95 -15.38 -17.35
N PRO A 261 -19.61 -14.88 -16.30
CA PRO A 261 -19.92 -15.74 -15.17
C PRO A 261 -20.71 -16.97 -15.59
N PHE A 262 -20.39 -18.12 -15.02
CA PHE A 262 -21.14 -19.32 -15.29
C PHE A 262 -22.48 -19.27 -14.61
N TYR A 263 -22.51 -18.74 -13.39
CA TYR A 263 -23.73 -18.70 -12.61
C TYR A 263 -23.65 -17.52 -11.66
N VAL A 264 -24.75 -16.74 -11.55
CA VAL A 264 -24.78 -15.60 -10.65
C VAL A 264 -25.94 -15.83 -9.69
N ASP A 265 -25.62 -15.82 -8.40
CA ASP A 265 -26.62 -15.95 -7.34
C ASP A 265 -26.99 -14.59 -6.80
N GLU A 266 -28.28 -14.39 -6.48
CA GLU A 266 -28.72 -13.09 -5.99
C GLU A 266 -29.34 -13.18 -4.58
N THR A 267 -28.98 -14.22 -3.84
CA THR A 267 -29.28 -14.32 -2.40
C THR A 267 -27.99 -14.07 -1.61
N GLU A 268 -28.03 -14.12 -0.28
CA GLU A 268 -26.76 -14.09 0.49
C GLU A 268 -26.48 -15.42 1.19
N ARG A 269 -26.99 -16.49 0.59
CA ARG A 269 -26.77 -17.82 1.13
C ARG A 269 -25.78 -18.60 0.24
N LEU A 270 -24.72 -19.11 0.86
CA LEU A 270 -23.76 -19.94 0.13
C LEU A 270 -24.43 -21.17 -0.44
N GLY A 271 -25.35 -21.78 0.32
CA GLY A 271 -26.08 -22.94 -0.16
C GLY A 271 -26.82 -22.68 -1.45
N SER A 272 -27.32 -21.45 -1.61
CA SER A 272 -28.00 -21.08 -2.85
C SER A 272 -27.03 -20.98 -4.02
N LEU A 273 -25.85 -20.43 -3.75
CA LEU A 273 -24.82 -20.30 -4.77
C LEU A 273 -24.42 -21.68 -5.31
N LEU A 274 -24.13 -22.59 -4.39
CA LEU A 274 -23.70 -23.94 -4.76
C LEU A 274 -24.83 -24.76 -5.39
N GLN A 275 -26.06 -24.66 -4.85
CA GLN A 275 -27.21 -25.34 -5.45
C GLN A 275 -27.55 -24.82 -6.84
N GLY A 276 -27.45 -23.49 -7.02
CA GLY A 276 -27.68 -22.89 -8.34
C GLY A 276 -26.60 -23.27 -9.35
N PHE A 277 -25.37 -23.41 -8.87
CA PHE A 277 -24.25 -23.91 -9.71
C PHE A 277 -24.60 -25.32 -10.25
N LYS A 278 -25.07 -26.18 -9.34
CA LYS A 278 -25.55 -27.55 -9.70
C LYS A 278 -26.67 -27.55 -10.75
N ARG A 279 -27.68 -26.71 -10.55
N ARG A 279 -27.70 -26.73 -10.53
CA ARG A 279 -28.76 -26.60 -11.52
CA ARG A 279 -28.73 -26.62 -11.55
C ARG A 279 -28.30 -26.07 -12.88
C ARG A 279 -28.14 -26.21 -12.88
N ALA A 280 -27.30 -25.17 -12.87
CA ALA A 280 -26.70 -24.66 -14.11
C ALA A 280 -25.87 -25.74 -14.84
N LEU A 281 -25.24 -26.60 -14.10
CA LEU A 281 -24.51 -27.68 -14.71
C LEU A 281 -25.50 -28.67 -15.39
N GLN A 282 -26.63 -28.96 -14.73
CA GLN A 282 -27.68 -29.85 -15.27
C GLN A 282 -28.17 -29.38 -16.61
N LYS A 283 -28.28 -28.08 -16.71
CA LYS A 283 -28.83 -27.41 -17.89
C LYS A 283 -27.88 -27.28 -19.08
N GLU A 284 -26.57 -27.37 -18.84
CA GLU A 284 -25.63 -27.18 -19.94
C GLU A 284 -25.28 -28.50 -20.66
N THR B 33 33.53 -16.43 25.87
CA THR B 33 33.05 -15.01 25.88
C THR B 33 32.29 -14.67 24.59
N MET B 34 31.40 -13.69 24.70
CA MET B 34 30.49 -13.34 23.60
C MET B 34 31.18 -12.41 22.59
N ARG B 35 31.11 -12.78 21.33
CA ARG B 35 31.70 -11.97 20.25
C ARG B 35 30.62 -11.00 19.78
N ILE B 36 30.74 -9.73 20.15
CA ILE B 36 29.72 -8.72 19.84
C ILE B 36 30.21 -7.79 18.74
N ALA B 37 29.51 -7.78 17.61
CA ALA B 37 29.82 -6.89 16.49
C ALA B 37 29.12 -5.56 16.65
N TYR B 38 29.77 -4.50 16.18
CA TYR B 38 29.25 -3.12 16.25
C TYR B 38 29.16 -2.56 14.83
N ALA B 39 27.97 -2.13 14.45
CA ALA B 39 27.68 -1.71 13.05
C ALA B 39 27.78 -0.20 12.89
N GLY B 40 28.07 0.48 14.00
CA GLY B 40 28.09 1.95 14.06
C GLY B 40 29.32 2.56 13.40
N LEU B 41 29.28 3.87 13.24
CA LEU B 41 30.37 4.60 12.57
C LEU B 41 31.21 5.29 13.64
N ARG B 42 30.53 5.94 14.57
CA ARG B 42 31.16 6.66 15.68
C ARG B 42 31.21 5.77 16.92
N ARG B 43 31.99 6.22 17.91
CA ARG B 43 32.09 5.58 19.25
C ARG B 43 32.69 4.16 19.25
N LYS B 44 33.49 3.88 18.22
CA LYS B 44 34.18 2.59 18.07
C LYS B 44 35.10 2.24 19.22
N GLU B 45 35.89 3.21 19.68
CA GLU B 45 36.83 3.00 20.78
C GLU B 45 36.09 2.78 22.09
N GLU B 46 35.07 3.59 22.34
CA GLU B 46 34.19 3.44 23.50
C GLU B 46 33.55 2.05 23.52
N PHE B 47 32.97 1.65 22.38
CA PHE B 47 32.40 0.31 22.21
C PHE B 47 33.36 -0.80 22.65
N LYS B 48 34.55 -0.81 22.04
CA LYS B 48 35.56 -1.83 22.34
C LYS B 48 35.94 -1.83 23.82
N ALA B 49 36.13 -0.62 24.34
CA ALA B 49 36.51 -0.41 25.74
C ALA B 49 35.43 -0.97 26.68
N LEU B 50 34.18 -0.58 26.42
CA LEU B 50 33.04 -1.07 27.21
C LEU B 50 32.91 -2.59 27.13
N ALA B 51 32.92 -3.10 25.90
CA ALA B 51 32.76 -4.53 25.66
C ALA B 51 33.83 -5.35 26.37
N GLU B 52 35.07 -4.88 26.30
CA GLU B 52 36.18 -5.60 26.91
C GLU B 52 36.08 -5.63 28.44
N LYS B 53 35.72 -4.50 29.03
CA LYS B 53 35.55 -4.38 30.47
C LYS B 53 34.44 -5.30 31.00
N LEU B 54 33.49 -5.63 30.13
CA LEU B 54 32.36 -6.49 30.49
C LEU B 54 32.57 -7.97 30.13
N GLY B 55 33.77 -8.32 29.67
CA GLY B 55 34.11 -9.71 29.35
C GLY B 55 33.77 -10.15 27.93
N PHE B 56 33.37 -9.20 27.09
CA PHE B 56 33.00 -9.49 25.70
C PHE B 56 34.17 -9.27 24.72
N THR B 57 34.08 -9.88 23.55
CA THR B 57 35.05 -9.69 22.47
C THR B 57 34.44 -8.75 21.42
N PRO B 58 34.95 -7.51 21.32
CA PRO B 58 34.37 -6.53 20.38
C PRO B 58 34.79 -6.74 18.92
N LEU B 59 33.85 -6.69 18.00
CA LEU B 59 34.13 -6.76 16.57
C LEU B 59 33.58 -5.52 15.95
N LEU B 60 34.34 -4.98 15.02
CA LEU B 60 33.97 -3.75 14.35
C LEU B 60 33.58 -4.05 12.92
N PHE B 61 32.31 -3.83 12.63
CA PHE B 61 31.75 -4.07 11.31
C PHE B 61 30.80 -2.94 10.89
N PRO B 62 31.38 -1.77 10.56
CA PRO B 62 30.58 -0.59 10.19
C PRO B 62 29.79 -0.86 8.91
N VAL B 63 28.56 -0.35 8.85
CA VAL B 63 27.72 -0.52 7.67
C VAL B 63 27.46 0.85 7.03
N GLN B 64 27.83 1.88 7.78
CA GLN B 64 27.68 3.28 7.42
C GLN B 64 29.08 3.84 7.16
N ALA B 65 29.25 4.45 6.00
CA ALA B 65 30.49 5.13 5.61
C ALA B 65 30.51 6.63 6.01
N THR B 66 29.35 7.29 5.92
CA THR B 66 29.25 8.74 6.17
C THR B 66 28.02 9.10 7.01
N GLU B 67 28.04 10.31 7.56
CA GLU B 67 26.96 10.77 8.43
C GLU B 67 26.59 12.22 8.15
N LYS B 68 25.32 12.44 7.85
CA LYS B 68 24.74 13.79 7.71
C LYS B 68 25.64 14.74 6.92
N VAL B 69 25.90 14.34 5.67
CA VAL B 69 26.73 15.10 4.73
C VAL B 69 25.79 15.93 3.85
N PRO B 70 25.90 17.28 3.89
CA PRO B 70 25.01 18.07 3.03
C PRO B 70 24.93 17.62 1.57
N VAL B 71 23.73 17.71 1.01
CA VAL B 71 23.47 17.35 -0.37
C VAL B 71 23.55 18.64 -1.18
N PRO B 72 24.62 18.80 -1.99
CA PRO B 72 24.81 20.10 -2.62
C PRO B 72 23.65 20.53 -3.51
N GLU B 73 22.99 19.59 -4.20
CA GLU B 73 21.89 19.91 -5.12
C GLU B 73 20.49 20.06 -4.48
N TYR B 74 20.44 20.05 -3.16
CA TYR B 74 19.14 20.06 -2.47
C TYR B 74 18.32 21.31 -2.83
N ARG B 75 18.96 22.48 -2.74
CA ARG B 75 18.25 23.73 -3.07
C ARG B 75 17.62 23.69 -4.47
N ASP B 76 18.35 23.15 -5.45
CA ASP B 76 17.83 23.00 -6.81
C ASP B 76 16.72 21.94 -6.96
N GLN B 77 16.75 20.92 -6.10
CA GLN B 77 15.65 19.97 -6.12
C GLN B 77 14.36 20.62 -5.56
N VAL B 78 14.53 21.44 -4.54
CA VAL B 78 13.38 22.20 -3.97
C VAL B 78 12.82 23.18 -5.01
N ARG B 79 13.72 23.87 -5.73
CA ARG B 79 13.31 24.68 -6.90
C ARG B 79 12.52 23.90 -7.95
N GLU B 80 12.93 22.65 -8.22
CA GLU B 80 12.20 21.82 -9.15
C GLU B 80 10.81 21.45 -8.61
N LEU B 81 10.72 21.17 -7.32
CA LEU B 81 9.40 20.88 -6.71
C LEU B 81 8.44 22.04 -6.98
N ALA B 82 8.95 23.25 -6.79
CA ALA B 82 8.11 24.44 -6.98
C ALA B 82 7.56 24.61 -8.41
N GLN B 83 8.12 23.87 -9.39
CA GLN B 83 7.60 23.91 -10.77
C GLN B 83 6.31 23.11 -11.01
N GLY B 84 5.96 22.29 -10.02
CA GLY B 84 4.73 21.52 -10.04
C GLY B 84 5.04 20.04 -10.04
N VAL B 85 4.31 19.30 -9.22
CA VAL B 85 4.40 17.85 -9.19
C VAL B 85 2.97 17.24 -9.15
N ASP B 86 2.86 15.99 -9.62
CA ASP B 86 1.59 15.30 -9.65
C ASP B 86 1.26 14.57 -8.36
N LEU B 87 2.31 14.17 -7.66
CA LEU B 87 2.20 13.45 -6.41
C LEU B 87 3.33 13.87 -5.46
N PHE B 88 3.05 13.90 -4.15
CA PHE B 88 4.05 14.22 -3.13
C PHE B 88 3.95 13.19 -2.01
N LEU B 89 5.10 12.60 -1.67
CA LEU B 89 5.16 11.59 -0.61
CA LEU B 89 5.13 11.59 -0.63
C LEU B 89 6.10 12.01 0.49
N ALA B 90 5.57 12.09 1.72
CA ALA B 90 6.35 12.48 2.89
C ALA B 90 6.65 11.28 3.76
N THR B 91 7.90 11.21 4.21
CA THR B 91 8.32 10.12 5.09
C THR B 91 8.43 10.52 6.56
N THR B 92 8.82 11.76 6.87
CA THR B 92 9.00 12.19 8.27
C THR B 92 8.39 13.57 8.55
N GLY B 93 7.98 13.81 9.80
CA GLY B 93 7.43 15.10 10.20
C GLY B 93 8.49 16.19 10.06
N VAL B 94 9.68 15.92 10.59
CA VAL B 94 10.79 16.88 10.49
CA VAL B 94 10.81 16.87 10.49
C VAL B 94 11.15 17.22 9.05
N GLY B 95 11.15 16.21 8.19
CA GLY B 95 11.51 16.35 6.80
C GLY B 95 10.50 17.25 6.10
N VAL B 96 9.23 17.13 6.49
CA VAL B 96 8.21 18.01 5.88
C VAL B 96 8.42 19.44 6.34
N ARG B 97 8.62 19.63 7.64
CA ARG B 97 8.80 20.98 8.20
C ARG B 97 10.03 21.66 7.63
N ASP B 98 11.13 20.92 7.53
CA ASP B 98 12.37 21.48 7.00
C ASP B 98 12.24 21.82 5.52
N LEU B 99 11.52 20.98 4.78
CA LEU B 99 11.26 21.24 3.35
C LEU B 99 10.47 22.53 3.17
N LEU B 100 9.43 22.67 3.98
CA LEU B 100 8.54 23.81 3.79
C LEU B 100 9.25 25.10 4.18
N GLU B 101 10.05 25.04 5.25
CA GLU B 101 10.85 26.21 5.64
C GLU B 101 11.89 26.53 4.56
N ALA B 102 12.52 25.50 3.98
CA ALA B 102 13.44 25.69 2.85
C ALA B 102 12.80 26.41 1.67
N GLY B 103 11.64 25.95 1.25
CA GLY B 103 10.84 26.60 0.19
C GLY B 103 10.62 28.09 0.48
N LYS B 104 10.27 28.42 1.73
CA LYS B 104 10.05 29.85 2.08
C LYS B 104 11.36 30.63 2.03
N ALA B 105 12.45 30.04 2.57
CA ALA B 105 13.76 30.68 2.53
C ALA B 105 14.23 30.98 1.10
N LEU B 106 13.86 30.10 0.15
CA LEU B 106 14.21 30.23 -1.26
C LEU B 106 13.27 31.12 -2.08
N GLY B 107 12.29 31.70 -1.40
CA GLY B 107 11.30 32.57 -2.07
C GLY B 107 10.39 31.82 -3.03
N LEU B 108 10.12 30.57 -2.66
CA LEU B 108 9.32 29.67 -3.47
C LEU B 108 7.92 29.47 -2.88
N ASP B 109 6.94 29.27 -3.76
CA ASP B 109 5.62 28.77 -3.32
C ASP B 109 5.61 27.24 -3.40
N LEU B 110 5.73 26.55 -2.26
CA LEU B 110 5.57 25.10 -2.23
C LEU B 110 4.13 24.67 -1.93
N GLU B 111 3.39 25.54 -1.25
CA GLU B 111 2.00 25.24 -0.91
C GLU B 111 1.08 25.06 -2.11
N GLY B 112 1.21 25.92 -3.12
CA GLY B 112 0.39 25.80 -4.32
C GLY B 112 0.60 24.48 -5.01
N PRO B 113 1.85 24.20 -5.41
CA PRO B 113 2.11 22.89 -6.04
C PRO B 113 1.65 21.70 -5.17
N LEU B 114 1.88 21.76 -3.84
CA LEU B 114 1.49 20.62 -2.99
C LEU B 114 -0.02 20.46 -2.91
N ALA B 115 -0.71 21.60 -2.94
CA ALA B 115 -2.16 21.59 -2.99
C ALA B 115 -2.72 21.00 -4.30
N LYS B 116 -1.93 21.04 -5.37
CA LYS B 116 -2.35 20.45 -6.65
C LYS B 116 -1.73 19.05 -6.88
N ALA B 117 -1.26 18.43 -5.82
CA ALA B 117 -0.64 17.12 -5.91
C ALA B 117 -1.44 16.11 -5.06
N PHE B 118 -1.47 14.85 -5.50
CA PHE B 118 -1.91 13.74 -4.62
C PHE B 118 -0.84 13.61 -3.50
N ARG B 119 -1.25 13.67 -2.25
CA ARG B 119 -0.30 13.66 -1.12
C ARG B 119 -0.42 12.41 -0.27
N LEU B 120 0.72 11.79 0.03
CA LEU B 120 0.76 10.60 0.88
C LEU B 120 1.71 10.88 2.01
N ALA B 121 1.44 10.26 3.15
CA ALA B 121 2.32 10.33 4.31
C ALA B 121 2.65 8.91 4.78
N ARG B 122 3.93 8.65 5.07
CA ARG B 122 4.28 7.28 5.47
C ARG B 122 3.59 6.93 6.79
N GLY B 123 3.57 7.88 7.71
CA GLY B 123 2.97 7.66 9.03
C GLY B 123 2.40 8.91 9.70
N ALA B 124 2.08 8.78 10.98
CA ALA B 124 1.40 9.84 11.73
C ALA B 124 2.19 11.15 11.84
N LYS B 125 3.51 11.04 11.98
CA LYS B 125 4.35 12.22 12.18
C LYS B 125 4.40 13.06 10.89
N ALA B 126 4.56 12.40 9.75
CA ALA B 126 4.57 13.07 8.45
C ALA B 126 3.18 13.69 8.17
N ALA B 127 2.13 12.92 8.51
CA ALA B 127 0.76 13.34 8.27
C ALA B 127 0.43 14.59 9.06
N ARG B 128 0.82 14.62 10.34
CA ARG B 128 0.52 15.79 11.15
C ARG B 128 1.25 17.04 10.65
N ALA B 129 2.51 16.89 10.23
CA ALA B 129 3.27 18.02 9.68
C ALA B 129 2.56 18.57 8.45
N LEU B 130 2.10 17.67 7.57
CA LEU B 130 1.31 18.08 6.41
C LEU B 130 0.02 18.81 6.81
N LYS B 131 -0.70 18.24 7.79
CA LYS B 131 -1.99 18.81 8.23
C LYS B 131 -1.78 20.23 8.79
N GLU B 132 -0.71 20.39 9.57
CA GLU B 132 -0.37 21.67 10.21
C GLU B 132 -0.03 22.78 9.22
N ALA B 133 0.49 22.38 8.05
CA ALA B 133 0.79 23.27 6.95
C ALA B 133 -0.44 23.53 6.05
N GLY B 134 -1.59 22.96 6.39
CA GLY B 134 -2.81 23.16 5.62
C GLY B 134 -2.91 22.28 4.37
N LEU B 135 -2.16 21.17 4.41
CA LEU B 135 -1.99 20.26 3.27
C LEU B 135 -2.22 18.78 3.68
N PRO B 136 -3.40 18.47 4.24
CA PRO B 136 -3.64 17.12 4.77
C PRO B 136 -3.37 16.04 3.71
N PRO B 137 -2.75 14.93 4.13
CA PRO B 137 -2.51 13.89 3.14
C PRO B 137 -3.80 13.21 2.72
N HIS B 138 -3.81 12.73 1.47
CA HIS B 138 -4.89 11.94 0.94
C HIS B 138 -4.84 10.49 1.41
N ALA B 139 -3.66 9.99 1.74
CA ALA B 139 -3.56 8.62 2.25
C ALA B 139 -2.36 8.59 3.18
N VAL B 140 -2.46 7.75 4.19
CA VAL B 140 -1.44 7.66 5.23
C VAL B 140 -1.18 6.19 5.53
N GLY B 141 0.11 5.83 5.58
CA GLY B 141 0.51 4.48 5.90
C GLY B 141 0.56 4.22 7.40
N ASP B 142 1.23 3.12 7.78
CA ASP B 142 1.27 2.72 9.18
C ASP B 142 2.59 3.06 9.85
N GLY B 143 3.40 3.87 9.16
CA GLY B 143 4.71 4.23 9.65
C GLY B 143 5.79 3.53 8.86
N THR B 144 5.40 2.58 8.02
CA THR B 144 6.34 1.85 7.16
C THR B 144 6.15 2.18 5.69
N SER B 145 7.26 2.26 4.95
CA SER B 145 7.21 2.50 3.52
C SER B 145 6.46 1.42 2.72
N LYS B 146 6.61 0.14 3.09
CA LYS B 146 5.85 -0.96 2.45
C LYS B 146 4.34 -0.72 2.44
N SER B 147 3.84 -0.17 3.56
CA SER B 147 2.39 0.08 3.70
C SER B 147 1.86 1.10 2.68
N LEU B 148 2.75 1.89 2.09
CA LEU B 148 2.32 2.87 1.05
C LEU B 148 2.03 2.23 -0.28
N LEU B 149 2.61 1.06 -0.52
CA LEU B 149 2.47 0.45 -1.86
C LEU B 149 1.02 0.33 -2.40
N PRO B 150 0.10 -0.29 -1.61
CA PRO B 150 -1.29 -0.42 -2.10
C PRO B 150 -2.09 0.91 -2.07
N LEU B 151 -1.49 1.96 -1.50
CA LEU B 151 -2.12 3.29 -1.43
C LEU B 151 -1.86 4.19 -2.67
N LEU B 152 -0.92 3.78 -3.54
CA LEU B 152 -0.51 4.66 -4.62
C LEU B 152 -1.55 4.67 -5.74
N PRO B 153 -1.90 5.88 -6.25
CA PRO B 153 -2.74 5.97 -7.44
C PRO B 153 -1.89 5.71 -8.67
N GLN B 154 -2.54 5.27 -9.74
CA GLN B 154 -1.91 5.25 -11.06
C GLN B 154 -1.96 6.68 -11.56
N GLY B 155 -0.85 7.17 -12.07
CA GLY B 155 -0.82 8.51 -12.59
C GLY B 155 0.17 8.76 -13.71
N ARG B 156 0.50 10.04 -13.84
CA ARG B 156 1.40 10.55 -14.87
C ARG B 156 2.19 11.68 -14.23
N GLY B 157 3.31 12.06 -14.83
CA GLY B 157 4.03 13.26 -14.38
C GLY B 157 5.08 12.97 -13.31
N VAL B 158 5.18 13.84 -12.30
CA VAL B 158 6.29 13.79 -11.33
C VAL B 158 5.78 13.46 -9.92
N ALA B 159 6.51 12.58 -9.24
CA ALA B 159 6.21 12.19 -7.86
C ALA B 159 7.39 12.67 -7.01
N ALA B 160 7.15 13.72 -6.24
CA ALA B 160 8.20 14.26 -5.39
C ALA B 160 8.27 13.45 -4.11
N LEU B 161 9.48 13.12 -3.72
CA LEU B 161 9.64 12.15 -2.63
C LEU B 161 10.54 12.70 -1.53
N GLN B 162 9.96 13.07 -0.38
CA GLN B 162 10.74 13.60 0.74
C GLN B 162 11.40 12.48 1.53
N LEU B 163 12.73 12.55 1.65
CA LEU B 163 13.53 11.44 2.22
C LEU B 163 14.34 11.84 3.42
N TYR B 164 15.01 10.85 4.02
CA TYR B 164 15.61 11.07 5.31
C TYR B 164 17.09 10.65 5.33
N GLY B 165 17.72 10.64 4.15
CA GLY B 165 19.17 10.32 4.12
C GLY B 165 19.60 9.29 3.11
N LYS B 166 18.64 8.49 2.62
CA LYS B 166 18.91 7.46 1.64
C LYS B 166 17.75 7.24 0.66
N PRO B 167 18.06 6.72 -0.54
CA PRO B 167 17.04 6.25 -1.50
C PRO B 167 16.19 5.14 -0.88
N LEU B 168 14.96 5.04 -1.37
CA LEU B 168 14.04 3.94 -0.98
C LEU B 168 13.65 3.22 -2.28
N PRO B 169 14.51 2.26 -2.70
CA PRO B 169 14.40 1.63 -4.02
C PRO B 169 13.05 0.96 -4.30
N LEU B 170 12.53 0.26 -3.30
N LEU B 170 12.51 0.27 -3.31
CA LEU B 170 11.23 -0.43 -3.39
CA LEU B 170 11.24 -0.44 -3.48
C LEU B 170 10.14 0.58 -3.74
C LEU B 170 10.11 0.57 -3.73
N LEU B 171 10.08 1.62 -2.91
CA LEU B 171 9.13 2.71 -3.05
C LEU B 171 9.36 3.47 -4.34
N GLU B 172 10.62 3.78 -4.68
CA GLU B 172 10.92 4.46 -5.95
C GLU B 172 10.51 3.63 -7.19
N ASN B 173 10.76 2.32 -7.13
CA ASN B 173 10.23 1.43 -8.18
C ASN B 173 8.70 1.41 -8.34
N ALA B 174 8.00 1.33 -7.22
CA ALA B 174 6.55 1.33 -7.22
C ALA B 174 6.00 2.62 -7.81
N LEU B 175 6.60 3.76 -7.44
CA LEU B 175 6.14 5.03 -7.98
C LEU B 175 6.31 5.09 -9.50
N ALA B 176 7.45 4.59 -9.99
CA ALA B 176 7.72 4.62 -11.42
C ALA B 176 6.73 3.72 -12.17
N GLU B 177 6.47 2.54 -11.61
CA GLU B 177 5.51 1.57 -12.16
C GLU B 177 4.08 2.10 -12.12
N ARG B 178 3.80 3.01 -11.19
CA ARG B 178 2.51 3.70 -11.15
C ARG B 178 2.44 4.83 -12.18
N GLY B 179 3.54 5.07 -12.90
CA GLY B 179 3.46 6.03 -14.01
C GLY B 179 4.23 7.33 -13.84
N TYR B 180 4.92 7.48 -12.70
CA TYR B 180 5.56 8.76 -12.33
C TYR B 180 7.07 8.79 -12.61
N ARG B 181 7.62 10.01 -12.63
CA ARG B 181 9.06 10.25 -12.50
C ARG B 181 9.33 10.75 -11.09
N VAL B 182 10.32 10.15 -10.43
CA VAL B 182 10.63 10.46 -9.05
C VAL B 182 11.63 11.62 -8.86
N LEU B 183 11.20 12.62 -8.09
CA LEU B 183 12.06 13.74 -7.68
C LEU B 183 12.44 13.60 -6.21
N PRO B 184 13.67 13.15 -5.94
CA PRO B 184 14.06 13.03 -4.53
C PRO B 184 14.36 14.35 -3.83
N LEU B 185 13.96 14.44 -2.56
CA LEU B 185 14.13 15.65 -1.76
C LEU B 185 14.70 15.37 -0.37
N MET B 186 16.00 15.60 -0.18
CA MET B 186 16.60 15.44 1.15
C MET B 186 17.84 16.32 1.30
N PRO B 187 17.98 17.02 2.44
CA PRO B 187 19.10 17.96 2.65
C PRO B 187 20.45 17.32 2.95
N TYR B 188 20.42 16.11 3.51
CA TYR B 188 21.66 15.42 3.93
C TYR B 188 21.61 13.98 3.47
N ARG B 189 22.79 13.41 3.28
CA ARG B 189 22.89 12.03 2.82
C ARG B 189 23.81 11.23 3.73
N HIS B 190 23.36 10.00 4.02
CA HIS B 190 24.16 8.98 4.70
C HIS B 190 24.45 7.95 3.66
N LEU B 191 25.72 7.55 3.55
CA LEU B 191 26.10 6.56 2.57
C LEU B 191 26.47 5.25 3.27
N PRO B 192 26.19 4.12 2.61
CA PRO B 192 26.54 2.86 3.25
C PRO B 192 28.02 2.54 3.02
N ASP B 193 28.52 1.55 3.75
CA ASP B 193 29.84 0.96 3.50
C ASP B 193 29.60 -0.41 2.85
N PRO B 194 29.57 -0.47 1.50
CA PRO B 194 29.12 -1.68 0.77
C PRO B 194 29.99 -2.90 1.03
N GLU B 195 31.31 -2.71 0.98
CA GLU B 195 32.23 -3.80 1.22
C GLU B 195 32.07 -4.21 2.66
N GLY B 196 31.90 -3.22 3.52
CA GLY B 196 31.75 -3.49 4.94
C GLY B 196 30.48 -4.31 5.20
N ILE B 197 29.40 -3.95 4.52
CA ILE B 197 28.17 -4.73 4.66
C ILE B 197 28.39 -6.20 4.25
N LEU B 198 29.07 -6.42 3.14
CA LEU B 198 29.42 -7.79 2.70
C LEU B 198 30.28 -8.55 3.70
N ARG B 199 31.24 -7.87 4.31
CA ARG B 199 32.09 -8.50 5.30
CA ARG B 199 32.10 -8.48 5.33
C ARG B 199 31.29 -8.88 6.56
N LEU B 200 30.36 -8.01 6.95
CA LEU B 200 29.55 -8.27 8.11
C LEU B 200 28.60 -9.45 7.83
N GLU B 201 27.98 -9.43 6.66
CA GLU B 201 27.08 -10.51 6.26
C GLU B 201 27.86 -11.84 6.29
N GLU B 202 29.05 -11.83 5.70
CA GLU B 202 29.87 -13.07 5.70
C GLU B 202 30.14 -13.53 7.12
N ALA B 203 30.55 -12.62 8.00
CA ALA B 203 30.90 -12.98 9.40
C ALA B 203 29.69 -13.53 10.16
N VAL B 204 28.54 -12.91 9.96
CA VAL B 204 27.30 -13.40 10.58
C VAL B 204 26.96 -14.82 10.12
N LEU B 205 26.99 -15.01 8.80
CA LEU B 205 26.61 -16.29 8.17
C LEU B 205 27.69 -17.38 8.22
N ARG B 206 28.87 -17.05 8.76
CA ARG B 206 29.96 -18.03 8.97
C ARG B 206 30.19 -18.32 10.45
N GLY B 207 29.24 -17.88 11.29
CA GLY B 207 29.29 -18.16 12.70
C GLY B 207 30.28 -17.39 13.56
N GLU B 208 30.81 -16.28 13.03
CA GLU B 208 31.90 -15.55 13.69
C GLU B 208 31.39 -14.46 14.63
N VAL B 209 30.06 -14.32 14.67
CA VAL B 209 29.40 -13.22 15.38
C VAL B 209 28.30 -13.76 16.31
N ASP B 210 28.38 -13.41 17.58
CA ASP B 210 27.37 -13.91 18.55
C ASP B 210 26.23 -12.91 18.77
N ALA B 211 26.54 -11.63 18.63
CA ALA B 211 25.53 -10.58 18.77
C ALA B 211 25.92 -9.41 17.90
N LEU B 212 24.94 -8.67 17.44
CA LEU B 212 25.21 -7.57 16.54
C LEU B 212 24.46 -6.31 16.96
N ALA B 213 25.21 -5.25 17.24
CA ALA B 213 24.62 -4.01 17.79
C ALA B 213 24.44 -2.96 16.69
N PHE B 214 23.19 -2.55 16.49
CA PHE B 214 22.81 -1.44 15.60
C PHE B 214 22.52 -0.24 16.51
N VAL B 215 22.96 0.95 16.09
CA VAL B 215 22.70 2.17 16.87
C VAL B 215 21.84 3.20 16.14
N ALA B 216 21.47 2.91 14.88
CA ALA B 216 20.59 3.76 14.07
C ALA B 216 19.69 2.94 13.15
N ALA B 217 18.44 3.38 12.97
CA ALA B 217 17.53 2.72 12.04
C ALA B 217 18.14 2.56 10.67
N ILE B 218 18.90 3.58 10.24
CA ILE B 218 19.49 3.60 8.90
C ILE B 218 20.49 2.45 8.65
N GLN B 219 21.14 2.01 9.71
CA GLN B 219 22.11 0.92 9.65
C GLN B 219 21.43 -0.42 9.35
N VAL B 220 20.19 -0.56 9.81
CA VAL B 220 19.39 -1.74 9.48
C VAL B 220 19.07 -1.81 8.01
N GLU B 221 18.60 -0.68 7.45
CA GLU B 221 18.23 -0.64 6.03
C GLU B 221 19.47 -0.89 5.20
N PHE B 222 20.60 -0.28 5.60
CA PHE B 222 21.82 -0.41 4.84
C PHE B 222 22.24 -1.87 4.77
N LEU B 223 22.22 -2.51 5.92
CA LEU B 223 22.64 -3.91 6.00
C LEU B 223 21.80 -4.80 5.10
N PHE B 224 20.46 -4.71 5.21
CA PHE B 224 19.62 -5.60 4.39
C PHE B 224 19.59 -5.26 2.91
N GLU B 225 19.70 -3.98 2.58
CA GLU B 225 19.72 -3.61 1.16
C GLU B 225 21.03 -4.01 0.50
N GLY B 226 22.11 -4.07 1.29
CA GLY B 226 23.43 -4.37 0.74
C GLY B 226 23.86 -5.82 0.82
N ALA B 227 23.07 -6.63 1.51
CA ALA B 227 23.41 -8.05 1.74
C ALA B 227 23.21 -8.87 0.47
N LYS B 228 24.06 -9.87 0.25
CA LYS B 228 23.91 -10.83 -0.85
C LYS B 228 22.67 -11.72 -0.62
N ASP B 229 22.46 -12.13 0.63
CA ASP B 229 21.38 -13.05 1.00
C ASP B 229 20.61 -12.49 2.21
N PRO B 230 19.78 -11.45 1.99
CA PRO B 230 19.07 -10.84 3.14
C PRO B 230 18.16 -11.84 3.88
N LYS B 231 17.59 -12.78 3.14
CA LYS B 231 16.78 -13.86 3.75
C LYS B 231 17.59 -14.68 4.76
N ALA B 232 18.78 -15.15 4.36
CA ALA B 232 19.65 -15.90 5.27
C ALA B 232 20.11 -15.05 6.44
N LEU B 233 20.39 -13.78 6.15
CA LEU B 233 20.81 -12.85 7.19
C LEU B 233 19.72 -12.62 8.22
N ARG B 234 18.50 -12.40 7.76
CA ARG B 234 17.36 -12.25 8.67
C ARG B 234 17.20 -13.50 9.54
N GLU B 235 17.28 -14.67 8.90
N GLU B 235 17.26 -14.66 8.90
CA GLU B 235 17.13 -15.98 9.57
CA GLU B 235 17.12 -15.93 9.62
C GLU B 235 18.20 -16.23 10.63
C GLU B 235 18.17 -16.02 10.74
N ALA B 236 19.42 -15.75 10.39
CA ALA B 236 20.52 -15.77 11.37
C ALA B 236 20.28 -14.83 12.55
N LEU B 237 19.76 -13.63 12.28
CA LEU B 237 19.56 -12.61 13.31
C LEU B 237 18.33 -12.88 14.18
N ASN B 238 17.56 -13.89 13.80
CA ASN B 238 16.42 -14.34 14.59
C ASN B 238 16.73 -15.62 15.34
N THR B 239 17.93 -16.15 15.11
CA THR B 239 18.32 -17.41 15.72
C THR B 239 19.78 -17.29 16.26
N ARG B 240 20.77 -17.60 15.43
CA ARG B 240 22.13 -17.75 15.92
C ARG B 240 22.76 -16.46 16.46
N VAL B 241 22.32 -15.32 15.94
CA VAL B 241 22.94 -14.03 16.26
C VAL B 241 21.89 -13.12 16.89
N LYS B 242 22.17 -12.73 18.12
CA LYS B 242 21.30 -11.84 18.89
C LYS B 242 21.45 -10.44 18.37
N ALA B 243 20.36 -9.88 17.86
CA ALA B 243 20.36 -8.51 17.41
C ALA B 243 20.11 -7.53 18.57
N LEU B 244 20.98 -6.54 18.67
CA LEU B 244 20.93 -5.57 19.75
C LEU B 244 20.63 -4.18 19.18
N ALA B 245 19.73 -3.45 19.84
CA ALA B 245 19.37 -2.15 19.30
C ALA B 245 19.61 -1.11 20.38
N VAL B 246 20.37 -0.07 20.02
CA VAL B 246 20.38 1.17 20.82
C VAL B 246 19.36 2.12 20.19
N GLY B 247 18.29 2.41 20.94
CA GLY B 247 17.27 3.30 20.41
C GLY B 247 15.98 2.58 20.09
N ARG B 248 14.86 3.07 20.64
CA ARG B 248 13.57 2.50 20.27
C ARG B 248 13.29 2.51 18.76
N VAL B 249 13.71 3.57 18.05
CA VAL B 249 13.46 3.62 16.60
C VAL B 249 14.36 2.62 15.84
N THR B 250 15.56 2.38 16.36
CA THR B 250 16.46 1.34 15.80
C THR B 250 15.74 -0.01 15.91
N ALA B 251 15.16 -0.25 17.08
CA ALA B 251 14.38 -1.47 17.33
C ALA B 251 13.18 -1.62 16.39
N ASP B 252 12.42 -0.53 16.20
CA ASP B 252 11.33 -0.50 15.21
C ASP B 252 11.80 -0.88 13.80
N ALA B 253 12.97 -0.39 13.40
CA ALA B 253 13.53 -0.70 12.07
C ALA B 253 13.87 -2.21 11.93
N LEU B 254 14.44 -2.81 12.97
CA LEU B 254 14.69 -4.28 13.00
C LEU B 254 13.39 -5.06 12.78
N ARG B 255 12.38 -4.76 13.60
CA ARG B 255 11.09 -5.44 13.46
C ARG B 255 10.53 -5.24 12.06
N GLU B 256 10.68 -4.03 11.53
N GLU B 256 10.69 -4.03 11.54
CA GLU B 256 10.26 -3.69 10.17
CA GLU B 256 10.27 -3.70 10.18
C GLU B 256 10.93 -4.55 9.09
C GLU B 256 10.89 -4.63 9.14
N TRP B 257 12.17 -4.95 9.35
CA TRP B 257 12.91 -5.84 8.45
C TRP B 257 12.82 -7.31 8.92
N GLY B 258 11.86 -7.59 9.80
CA GLY B 258 11.55 -8.97 10.17
C GLY B 258 12.49 -9.63 11.16
N VAL B 259 13.24 -8.81 11.89
CA VAL B 259 14.14 -9.30 12.95
C VAL B 259 13.58 -8.93 14.32
N LYS B 260 13.48 -9.92 15.19
CA LYS B 260 13.13 -9.70 16.61
C LYS B 260 14.39 -9.34 17.44
N PRO B 261 14.51 -8.08 17.91
CA PRO B 261 15.65 -7.72 18.77
C PRO B 261 15.77 -8.59 20.01
N PHE B 262 16.98 -9.02 20.34
CA PHE B 262 17.24 -9.76 21.57
C PHE B 262 17.22 -8.87 22.79
N TYR B 263 17.88 -7.71 22.68
CA TYR B 263 17.87 -6.70 23.74
C TYR B 263 17.74 -5.35 23.08
N VAL B 264 16.95 -4.47 23.68
CA VAL B 264 16.84 -3.08 23.24
C VAL B 264 17.23 -2.12 24.38
N ASP B 265 18.16 -1.21 24.11
CA ASP B 265 18.47 -0.11 25.03
C ASP B 265 17.76 1.15 24.57
N GLU B 266 16.91 1.72 25.42
CA GLU B 266 16.18 2.93 25.01
C GLU B 266 16.79 4.21 25.58
N THR B 267 17.79 4.03 26.44
CA THR B 267 18.56 5.13 27.07
C THR B 267 19.54 5.80 26.12
N GLU B 268 19.80 5.15 24.98
CA GLU B 268 20.72 5.62 23.93
C GLU B 268 22.17 5.79 24.42
N ARG B 269 22.62 4.88 25.28
N ARG B 269 22.59 4.89 25.31
CA ARG B 269 23.99 4.86 25.75
CA ARG B 269 23.95 4.89 25.87
C ARG B 269 24.57 3.46 25.61
C ARG B 269 24.55 3.50 25.67
N LEU B 270 25.70 3.36 24.90
N LEU B 270 25.69 3.44 24.98
CA LEU B 270 26.29 2.05 24.65
CA LEU B 270 26.31 2.16 24.66
C LEU B 270 26.64 1.28 25.92
C LEU B 270 26.61 1.32 25.92
N GLY B 271 27.03 2.00 26.98
CA GLY B 271 27.31 1.37 28.27
C GLY B 271 26.11 0.67 28.91
N SER B 272 24.94 1.30 28.80
CA SER B 272 23.71 0.70 29.33
C SER B 272 23.23 -0.48 28.44
N LEU B 273 23.40 -0.35 27.13
CA LEU B 273 23.10 -1.45 26.19
C LEU B 273 23.88 -2.69 26.57
N LEU B 274 25.19 -2.53 26.69
CA LEU B 274 26.08 -3.66 26.95
C LEU B 274 25.88 -4.25 28.36
N GLN B 275 25.63 -3.40 29.35
CA GLN B 275 25.26 -3.83 30.70
C GLN B 275 23.89 -4.50 30.71
N GLY B 276 22.93 -3.90 30.01
CA GLY B 276 21.60 -4.49 29.86
C GLY B 276 21.65 -5.86 29.19
N PHE B 277 22.35 -5.92 28.05
CA PHE B 277 22.61 -7.17 27.33
C PHE B 277 23.27 -8.22 28.21
N LYS B 278 24.26 -7.82 29.01
CA LYS B 278 24.95 -8.76 29.90
C LYS B 278 23.99 -9.34 30.96
N ARG B 279 23.13 -8.48 31.54
CA ARG B 279 22.14 -8.93 32.52
C ARG B 279 21.13 -9.91 31.91
N ALA B 280 20.74 -9.64 30.66
CA ALA B 280 19.86 -10.54 29.90
C ALA B 280 20.49 -11.92 29.73
N LEU B 281 21.80 -11.93 29.56
CA LEU B 281 22.56 -13.18 29.47
C LEU B 281 22.66 -13.83 30.84
C ACT C . -14.78 -2.28 -12.22
O ACT C . -15.75 -2.05 -12.97
OXT ACT C . -13.87 -1.42 -12.16
CH3 ACT C . -14.73 -3.51 -11.40
C ACT D . 1.35 -22.33 -15.18
O ACT D . 1.16 -21.78 -14.06
OXT ACT D . 1.80 -21.63 -16.15
CH3 ACT D . 1.10 -23.78 -15.37
C ACT E . -24.69 0.01 -4.27
O ACT E . -24.21 0.48 -5.34
OXT ACT E . -25.30 0.78 -3.49
CH3 ACT E . -24.54 -1.45 -3.94
C ACT F . 9.71 12.46 12.46
O ACT F . 8.86 11.92 11.72
OXT ACT F . 9.61 13.70 12.65
CH3 ACT F . 10.80 11.66 13.11
#